data_4EJT
#
_entry.id   4EJT
#
_cell.length_a   107.893
_cell.length_b   107.893
_cell.length_c   49.562
_cell.angle_alpha   90.00
_cell.angle_beta   90.00
_cell.angle_gamma   120.00
#
_symmetry.space_group_name_H-M   'P 61'
#
loop_
_entity.id
_entity.type
_entity.pdbx_description
1 polymer 'Transcriptional regulator TcaR'
2 polymer "5'-R(*AP*A)-3'"
3 water water
#
loop_
_entity_poly.entity_id
_entity_poly.type
_entity_poly.pdbx_seq_one_letter_code
_entity_poly.pdbx_strand_id
1 'polypeptide(L)'
;MVRRIEDHISFLEKFINDVNTLTAKLLKDLQTEYGISAEQSHVLNMLSIEALTVGQITEKQGVNKAAVSRRVKKLLNAEL
VKLEKPDSNTDQRLKIIKLSNKGKKYIKERKAIMSHIASDMTSDFDSKEIEKVRQVLEIIDYRIQSYTSKL
;
A,B
2 'polyribonucleotide' AA G
#
loop_
_chem_comp.id
_chem_comp.type
_chem_comp.name
_chem_comp.formula
A RNA linking ADENOSINE-5'-MONOPHOSPHATE 'C10 H14 N5 O7 P'
#
# COMPACT_ATOMS: atom_id res chain seq x y z
N ARG A 3 11.35 -18.77 -4.30
CA ARG A 3 11.61 -19.98 -3.48
C ARG A 3 12.38 -19.71 -2.17
N ARG A 4 13.66 -19.37 -2.26
CA ARG A 4 14.51 -19.14 -1.08
C ARG A 4 14.19 -17.99 -0.10
N ILE A 5 14.46 -16.72 -0.45
CA ILE A 5 14.14 -15.63 0.49
C ILE A 5 12.90 -14.89 -0.01
N GLU A 6 12.37 -15.39 -1.13
CA GLU A 6 11.16 -14.85 -1.75
C GLU A 6 10.01 -15.06 -0.77
N ASP A 7 10.23 -15.97 0.16
CA ASP A 7 9.21 -16.31 1.16
C ASP A 7 8.94 -15.12 2.08
N HIS A 8 10.00 -14.44 2.49
CA HIS A 8 9.87 -13.30 3.37
C HIS A 8 9.26 -12.06 2.72
N ILE A 9 9.53 -11.82 1.44
CA ILE A 9 8.91 -10.65 0.82
C ILE A 9 7.51 -10.99 0.36
N SER A 10 7.29 -12.21 -0.12
CA SER A 10 5.95 -12.55 -0.51
C SER A 10 5.06 -12.33 0.73
N PHE A 11 5.64 -12.56 1.91
CA PHE A 11 4.88 -12.39 3.16
C PHE A 11 4.71 -10.93 3.47
N LEU A 12 5.77 -10.17 3.22
CA LEU A 12 5.75 -8.76 3.47
C LEU A 12 4.71 -8.11 2.60
N GLU A 13 4.56 -8.63 1.39
CA GLU A 13 3.59 -8.10 0.46
C GLU A 13 2.21 -8.58 0.84
N LYS A 14 2.08 -9.84 1.20
CA LYS A 14 0.77 -10.27 1.63
C LYS A 14 0.45 -9.45 2.90
N PHE A 15 1.47 -9.10 3.70
CA PHE A 15 1.21 -8.29 4.89
C PHE A 15 0.73 -6.88 4.54
N ILE A 16 1.45 -6.14 3.71
CA ILE A 16 1.00 -4.79 3.38
C ILE A 16 -0.41 -4.84 2.82
N ASN A 17 -0.65 -5.83 1.96
CA ASN A 17 -1.97 -6.03 1.33
C ASN A 17 -3.12 -5.95 2.34
N ASP A 18 -3.02 -6.80 3.36
CA ASP A 18 -4.00 -6.85 4.41
C ASP A 18 -4.13 -5.52 5.17
N VAL A 19 -3.01 -4.83 5.36
CA VAL A 19 -3.06 -3.56 6.05
C VAL A 19 -3.88 -2.60 5.16
N ASN A 20 -3.61 -2.66 3.85
CA ASN A 20 -4.32 -1.83 2.91
C ASN A 20 -5.76 -2.25 2.87
N THR A 21 -6.03 -3.54 2.66
CA THR A 21 -7.42 -4.01 2.64
C THR A 21 -8.22 -3.50 3.84
N LEU A 22 -7.65 -3.65 5.04
CA LEU A 22 -8.30 -3.28 6.30
C LEU A 22 -8.47 -1.79 6.48
N THR A 23 -7.41 -1.05 6.22
CA THR A 23 -7.51 0.37 6.39
C THR A 23 -8.60 0.80 5.47
N ALA A 24 -8.64 0.22 4.28
CA ALA A 24 -9.67 0.56 3.31
C ALA A 24 -11.05 0.32 3.89
N LYS A 25 -11.34 -0.91 4.26
CA LYS A 25 -12.64 -1.23 4.83
C LYS A 25 -12.98 -0.35 6.03
N LEU A 26 -12.08 -0.29 6.99
CA LEU A 26 -12.32 0.50 8.21
C LEU A 26 -12.45 2.00 8.04
N LEU A 27 -12.28 2.50 6.82
CA LEU A 27 -12.42 3.94 6.61
C LEU A 27 -13.53 4.40 5.65
N LYS A 28 -14.17 3.45 4.96
CA LYS A 28 -15.29 3.76 4.04
C LYS A 28 -16.30 4.66 4.74
N ASP A 29 -17.09 4.04 5.60
CA ASP A 29 -18.08 4.76 6.37
C ASP A 29 -17.57 6.15 6.76
N LEU A 30 -16.27 6.25 7.00
CA LEU A 30 -15.69 7.52 7.36
C LEU A 30 -15.38 8.46 6.21
N GLN A 31 -14.90 7.93 5.09
CA GLN A 31 -14.58 8.74 3.93
C GLN A 31 -15.89 9.12 3.27
N THR A 32 -16.86 8.22 3.39
CA THR A 32 -18.19 8.46 2.87
C THR A 32 -18.84 9.55 3.72
N GLU A 33 -18.60 9.52 5.03
CA GLU A 33 -19.18 10.53 5.94
C GLU A 33 -18.63 11.95 5.72
N TYR A 34 -17.46 12.03 5.11
CA TYR A 34 -16.83 13.33 4.80
C TYR A 34 -16.94 13.48 3.31
N GLY A 35 -17.49 12.46 2.67
CA GLY A 35 -17.65 12.49 1.24
C GLY A 35 -16.41 12.66 0.40
N ILE A 36 -15.40 11.80 0.57
CA ILE A 36 -14.17 11.82 -0.25
C ILE A 36 -13.80 10.41 -0.62
N SER A 37 -12.97 10.29 -1.65
CA SER A 37 -12.53 8.99 -2.14
C SER A 37 -11.38 8.55 -1.26
N ALA A 38 -10.85 7.35 -1.51
CA ALA A 38 -9.76 6.85 -0.71
C ALA A 38 -8.47 7.53 -1.15
N GLU A 39 -8.34 7.62 -2.46
CA GLU A 39 -7.19 8.20 -3.06
C GLU A 39 -7.03 9.68 -2.74
N GLN A 40 -8.11 10.39 -2.46
CA GLN A 40 -7.94 11.79 -2.13
C GLN A 40 -7.77 11.84 -0.63
N SER A 41 -7.82 10.66 -0.01
CA SER A 41 -7.59 10.51 1.43
C SER A 41 -6.12 10.14 1.61
N HIS A 42 -5.64 9.22 0.80
CA HIS A 42 -4.23 8.87 0.88
C HIS A 42 -3.51 10.19 0.70
N VAL A 43 -3.97 10.93 -0.31
CA VAL A 43 -3.44 12.24 -0.65
C VAL A 43 -3.57 13.18 0.56
N LEU A 44 -4.42 12.79 1.50
CA LEU A 44 -4.66 13.58 2.69
C LEU A 44 -3.88 13.13 3.90
N ASN A 45 -3.41 11.89 3.93
CA ASN A 45 -2.62 11.48 5.08
C ASN A 45 -1.20 12.03 4.91
N MET A 46 -0.72 12.10 3.66
CA MET A 46 0.61 12.61 3.35
C MET A 46 0.74 14.10 3.71
N LEU A 47 -0.39 14.74 3.97
CA LEU A 47 -0.39 16.16 4.35
C LEU A 47 -0.47 16.29 5.87
N SER A 48 -0.86 15.21 6.55
CA SER A 48 -0.93 15.28 8.01
C SER A 48 0.50 15.26 8.50
N ILE A 49 1.41 14.93 7.59
CA ILE A 49 2.83 14.93 7.94
C ILE A 49 3.18 16.40 7.81
N GLU A 50 3.43 16.89 6.60
CA GLU A 50 3.75 18.30 6.40
C GLU A 50 2.89 18.95 5.30
N ALA A 51 3.54 19.59 4.32
CA ALA A 51 2.85 20.24 3.20
C ALA A 51 3.48 19.70 1.91
N LEU A 52 2.67 19.48 0.88
CA LEU A 52 3.15 18.90 -0.38
C LEU A 52 2.91 19.62 -1.72
N THR A 53 3.87 19.46 -2.63
CA THR A 53 3.83 20.02 -3.98
C THR A 53 3.34 18.94 -4.94
N VAL A 54 2.54 19.35 -5.92
CA VAL A 54 2.01 18.41 -6.90
C VAL A 54 3.13 17.50 -7.42
N GLY A 55 4.30 18.08 -7.59
CA GLY A 55 5.44 17.30 -8.06
C GLY A 55 6.06 16.51 -6.94
N GLN A 56 6.05 17.09 -5.74
CA GLN A 56 6.60 16.43 -4.57
C GLN A 56 5.92 15.08 -4.34
N ILE A 57 4.71 14.94 -4.84
CA ILE A 57 4.00 13.70 -4.66
C ILE A 57 4.07 12.77 -5.89
N THR A 58 4.12 13.33 -7.10
CA THR A 58 4.17 12.52 -8.35
C THR A 58 4.69 11.07 -8.24
N GLU A 59 6.00 10.88 -8.35
CA GLU A 59 6.60 9.55 -8.27
C GLU A 59 6.78 9.20 -6.79
N LYS A 60 6.69 10.22 -5.94
CA LYS A 60 6.83 10.07 -4.49
C LYS A 60 5.59 9.36 -3.98
N GLN A 61 4.58 9.26 -4.85
CA GLN A 61 3.36 8.58 -4.50
C GLN A 61 3.51 7.30 -5.29
N GLY A 62 4.08 7.49 -6.47
CA GLY A 62 4.28 6.42 -7.41
C GLY A 62 3.37 6.84 -8.54
N VAL A 63 2.11 6.45 -8.42
CA VAL A 63 1.08 6.78 -9.42
C VAL A 63 1.15 8.24 -9.91
N ASN A 64 1.68 8.36 -11.12
CA ASN A 64 1.90 9.61 -11.85
C ASN A 64 1.78 11.01 -11.22
N LYS A 65 1.18 11.91 -11.99
CA LYS A 65 1.07 13.32 -11.60
C LYS A 65 -0.20 14.08 -12.09
N ALA A 66 -0.96 13.47 -12.97
CA ALA A 66 -2.16 14.09 -13.51
C ALA A 66 -3.15 14.32 -12.39
N ALA A 67 -3.68 13.22 -11.86
CA ALA A 67 -4.64 13.25 -10.78
C ALA A 67 -4.24 14.09 -9.56
N VAL A 68 -2.94 14.20 -9.32
CA VAL A 68 -2.40 14.94 -8.19
C VAL A 68 -3.06 16.29 -8.05
N SER A 69 -3.43 16.87 -9.18
CA SER A 69 -4.10 18.15 -9.21
C SER A 69 -5.59 17.90 -9.20
N ARG A 70 -6.03 16.99 -10.05
CA ARG A 70 -7.45 16.66 -10.17
C ARG A 70 -8.12 16.37 -8.83
N ARG A 71 -7.43 15.65 -7.96
CA ARG A 71 -7.99 15.33 -6.65
C ARG A 71 -7.52 16.36 -5.61
N VAL A 72 -6.54 17.18 -5.97
CA VAL A 72 -6.04 18.21 -5.06
C VAL A 72 -7.09 19.31 -5.05
N LYS A 73 -7.63 19.56 -6.25
CA LYS A 73 -8.64 20.60 -6.49
C LYS A 73 -9.97 20.35 -5.77
N LYS A 74 -10.41 19.10 -5.74
CA LYS A 74 -11.66 18.80 -5.05
C LYS A 74 -11.42 18.99 -3.55
N LEU A 75 -10.16 18.87 -3.14
CA LEU A 75 -9.78 19.05 -1.74
C LEU A 75 -9.83 20.54 -1.50
N LEU A 76 -9.21 21.26 -2.42
CA LEU A 76 -9.16 22.72 -2.41
C LEU A 76 -10.59 23.18 -2.35
N ASN A 77 -11.29 22.82 -3.42
CA ASN A 77 -12.69 23.17 -3.64
C ASN A 77 -13.72 22.67 -2.62
N ALA A 78 -13.53 21.48 -2.06
CA ALA A 78 -14.48 20.99 -1.05
C ALA A 78 -14.06 21.72 0.21
N GLU A 79 -13.17 22.70 -0.01
CA GLU A 79 -12.62 23.56 1.01
C GLU A 79 -12.17 22.97 2.35
N LEU A 80 -11.35 21.93 2.30
CA LEU A 80 -10.81 21.33 3.53
C LEU A 80 -9.32 20.88 3.38
N VAL A 81 -8.57 21.68 2.62
CA VAL A 81 -7.12 21.55 2.38
C VAL A 81 -6.70 22.83 1.65
N LYS A 82 -5.86 23.60 2.34
CA LYS A 82 -5.36 24.87 1.84
C LYS A 82 -4.14 24.86 0.92
N LEU A 83 -4.19 25.74 -0.10
CA LEU A 83 -3.11 25.89 -1.09
C LEU A 83 -1.93 26.69 -0.55
N GLU A 84 -0.89 26.77 -1.35
CA GLU A 84 0.34 27.49 -1.07
C GLU A 84 0.96 27.67 -2.45
N LYS A 85 2.07 28.38 -2.52
CA LYS A 85 2.74 28.58 -3.79
C LYS A 85 4.22 28.33 -3.55
N LYS A 95 3.82 25.72 -5.70
CA LYS A 95 2.69 24.76 -5.83
C LYS A 95 2.64 23.72 -4.69
N ILE A 96 3.05 24.12 -3.49
CA ILE A 96 3.01 23.20 -2.35
C ILE A 96 1.61 23.44 -1.79
N ILE A 97 1.16 22.60 -0.88
CA ILE A 97 -0.19 22.74 -0.33
C ILE A 97 -0.22 22.30 1.13
N LYS A 98 -0.87 23.08 2.00
CA LYS A 98 -0.94 22.71 3.41
C LYS A 98 -2.26 22.00 3.65
N LEU A 99 -2.66 21.86 4.91
CA LEU A 99 -3.91 21.20 5.26
C LEU A 99 -4.90 22.24 5.79
N SER A 100 -6.19 21.93 5.73
CA SER A 100 -7.24 22.83 6.19
C SER A 100 -7.03 23.40 7.58
N ASN A 101 -7.52 22.65 8.57
CA ASN A 101 -7.46 22.94 9.99
C ASN A 101 -8.85 22.57 10.49
N LYS A 102 -9.56 21.90 9.59
CA LYS A 102 -10.87 21.32 9.82
C LYS A 102 -10.78 20.07 8.94
N GLY A 103 -9.55 19.82 8.51
CA GLY A 103 -9.22 18.65 7.73
C GLY A 103 -8.43 17.83 8.71
N LYS A 104 -7.88 18.51 9.71
CA LYS A 104 -7.12 17.88 10.77
C LYS A 104 -8.17 17.16 11.60
N LYS A 105 -9.33 17.79 11.69
CA LYS A 105 -10.47 17.26 12.43
C LYS A 105 -10.70 15.86 11.93
N TYR A 106 -10.71 15.71 10.62
CA TYR A 106 -10.92 14.42 10.00
C TYR A 106 -9.79 13.42 10.32
N ILE A 107 -8.55 13.86 10.09
CA ILE A 107 -7.37 13.02 10.32
C ILE A 107 -7.34 12.58 11.78
N LYS A 108 -8.00 13.35 12.65
CA LYS A 108 -8.10 12.95 14.06
C LYS A 108 -9.01 11.76 13.98
N GLU A 109 -10.22 11.99 13.46
CA GLU A 109 -11.22 10.94 13.32
C GLU A 109 -10.61 9.68 12.69
N ARG A 110 -9.68 9.85 11.76
CA ARG A 110 -9.00 8.70 11.14
C ARG A 110 -8.07 8.03 12.16
N LYS A 111 -7.00 8.73 12.55
CA LYS A 111 -6.02 8.26 13.53
C LYS A 111 -6.66 7.68 14.77
N ALA A 112 -7.75 8.28 15.20
CA ALA A 112 -8.43 7.80 16.39
C ALA A 112 -8.89 6.35 16.26
N ILE A 113 -9.84 6.13 15.37
CA ILE A 113 -10.39 4.80 15.19
C ILE A 113 -9.37 3.75 14.75
N MET A 114 -8.30 4.17 14.09
CA MET A 114 -7.27 3.24 13.67
C MET A 114 -6.45 2.70 14.83
N SER A 115 -6.57 3.33 15.99
CA SER A 115 -5.84 2.90 17.17
C SER A 115 -6.79 2.12 18.09
N HIS A 116 -7.99 2.65 18.24
CA HIS A 116 -9.07 2.05 19.01
C HIS A 116 -9.04 0.56 18.66
N ILE A 117 -8.42 0.25 17.52
CA ILE A 117 -8.33 -1.12 16.97
C ILE A 117 -6.94 -1.79 16.88
N ALA A 118 -5.92 -1.04 16.46
CA ALA A 118 -4.57 -1.57 16.34
C ALA A 118 -3.96 -2.00 17.67
N SER A 119 -4.27 -1.30 18.75
CA SER A 119 -3.73 -1.67 20.04
C SER A 119 -4.52 -2.86 20.51
N ASP A 120 -5.82 -2.82 20.30
CA ASP A 120 -6.65 -3.93 20.71
C ASP A 120 -6.29 -5.13 19.83
N MET A 121 -5.39 -4.91 18.89
CA MET A 121 -4.93 -5.97 18.01
C MET A 121 -3.49 -6.40 18.31
N THR A 122 -2.79 -5.62 19.14
CA THR A 122 -1.41 -5.97 19.50
C THR A 122 -1.08 -5.87 21.01
N SER A 123 -2.09 -5.55 21.81
CA SER A 123 -1.96 -5.41 23.25
C SER A 123 -1.42 -6.61 24.03
N ASP A 124 -1.54 -7.83 23.52
CA ASP A 124 -1.04 -8.93 24.32
C ASP A 124 0.46 -9.20 24.22
N PHE A 125 1.19 -8.33 23.52
CA PHE A 125 2.66 -8.43 23.47
C PHE A 125 2.96 -7.30 24.46
N ASP A 126 4.21 -7.14 24.89
CA ASP A 126 4.49 -6.06 25.85
C ASP A 126 5.54 -5.07 25.34
N SER A 127 6.65 -5.55 24.79
CA SER A 127 7.69 -4.65 24.30
C SER A 127 8.83 -5.26 23.51
N LYS A 128 9.87 -5.72 24.21
CA LYS A 128 11.04 -6.26 23.52
C LYS A 128 10.60 -6.94 22.22
N GLU A 129 9.40 -7.52 22.28
CA GLU A 129 8.79 -8.21 21.15
C GLU A 129 8.55 -7.26 19.98
N ILE A 130 7.62 -6.32 20.17
CA ILE A 130 7.25 -5.35 19.15
C ILE A 130 8.37 -4.38 18.76
N GLU A 131 9.12 -3.89 19.77
CA GLU A 131 10.23 -2.96 19.55
C GLU A 131 11.26 -3.53 18.57
N LYS A 132 11.44 -4.84 18.57
CA LYS A 132 12.42 -5.46 17.69
C LYS A 132 11.88 -5.53 16.28
N VAL A 133 10.56 -5.66 16.14
CA VAL A 133 10.01 -5.71 14.78
C VAL A 133 10.18 -4.32 14.18
N ARG A 134 9.84 -3.31 14.99
CA ARG A 134 9.96 -1.91 14.64
C ARG A 134 11.40 -1.58 14.33
N GLN A 135 12.30 -2.02 15.19
CA GLN A 135 13.72 -1.78 14.95
C GLN A 135 14.15 -2.36 13.60
N VAL A 136 13.71 -3.57 13.29
CA VAL A 136 14.05 -4.17 11.99
C VAL A 136 13.38 -3.45 10.80
N LEU A 137 12.10 -3.11 10.93
CA LEU A 137 11.44 -2.41 9.85
C LEU A 137 12.11 -1.03 9.72
N GLU A 138 12.56 -0.45 10.84
CA GLU A 138 13.22 0.84 10.74
C GLU A 138 14.48 0.72 9.89
N ILE A 139 15.38 -0.19 10.23
CA ILE A 139 16.61 -0.34 9.44
C ILE A 139 16.27 -0.54 7.97
N ILE A 140 15.34 -1.46 7.70
CA ILE A 140 14.92 -1.74 6.34
C ILE A 140 14.34 -0.49 5.69
N ASP A 141 13.67 0.35 6.47
CA ASP A 141 13.09 1.58 5.93
C ASP A 141 14.22 2.56 5.67
N TYR A 142 15.28 2.42 6.45
CA TYR A 142 16.42 3.28 6.27
C TYR A 142 17.06 2.87 4.97
N ARG A 143 17.32 1.57 4.84
CA ARG A 143 17.91 1.01 3.61
C ARG A 143 17.14 1.42 2.36
N ILE A 144 15.86 1.04 2.32
CA ILE A 144 14.96 1.37 1.21
C ILE A 144 15.10 2.82 0.71
N GLN A 145 14.94 3.78 1.62
CA GLN A 145 15.06 5.21 1.30
C GLN A 145 16.41 5.65 0.72
N SER A 146 17.48 5.20 1.35
CA SER A 146 18.81 5.54 0.89
C SER A 146 18.92 4.98 -0.50
N TYR A 147 18.54 3.73 -0.66
CA TYR A 147 18.62 3.06 -1.94
C TYR A 147 17.85 3.78 -3.05
N THR A 148 16.68 4.32 -2.73
CA THR A 148 15.88 5.04 -3.74
C THR A 148 16.78 6.09 -4.42
N SER A 149 16.74 7.33 -3.95
CA SER A 149 17.55 8.43 -4.53
C SER A 149 17.44 8.67 -6.07
N LYS A 150 16.34 9.31 -6.51
CA LYS A 150 16.05 9.60 -7.95
C LYS A 150 14.80 10.50 -8.23
N LEU A 151 14.56 10.80 -9.52
CA LEU A 151 13.43 11.61 -10.01
C LEU A 151 12.07 10.91 -9.91
N ILE B 5 4.11 3.75 20.68
CA ILE B 5 2.71 3.49 21.09
C ILE B 5 1.77 3.59 19.88
N GLU B 6 1.82 4.70 19.16
CA GLU B 6 1.06 4.79 17.91
C GLU B 6 1.90 5.63 16.95
N ASP B 7 3.20 5.64 17.23
CA ASP B 7 4.21 6.28 16.42
C ASP B 7 4.40 5.13 15.45
N HIS B 8 3.90 3.97 15.86
CA HIS B 8 3.95 2.73 15.11
C HIS B 8 3.07 2.79 13.89
N ILE B 9 1.87 3.29 14.12
CA ILE B 9 0.88 3.44 13.09
C ILE B 9 1.38 4.42 12.04
N SER B 10 2.07 5.47 12.46
CA SER B 10 2.64 6.40 11.51
C SER B 10 3.80 5.68 10.85
N PHE B 11 4.77 5.22 11.63
CA PHE B 11 5.89 4.51 11.02
C PHE B 11 5.40 3.51 9.97
N LEU B 12 4.37 2.76 10.30
CA LEU B 12 3.85 1.79 9.36
C LEU B 12 3.36 2.46 8.08
N GLU B 13 2.52 3.47 8.26
CA GLU B 13 2.03 4.19 7.13
C GLU B 13 3.23 4.70 6.31
N LYS B 14 4.30 5.11 6.98
CA LYS B 14 5.50 5.57 6.27
C LYS B 14 6.31 4.40 5.70
N PHE B 15 6.38 3.31 6.44
CA PHE B 15 7.12 2.19 5.92
C PHE B 15 6.43 1.71 4.65
N ILE B 16 5.10 1.65 4.67
CA ILE B 16 4.41 1.17 3.48
C ILE B 16 4.43 2.15 2.31
N ASN B 17 4.37 3.44 2.59
CA ASN B 17 4.44 4.39 1.52
C ASN B 17 5.83 4.32 0.86
N ASP B 18 6.86 3.96 1.63
CA ASP B 18 8.18 3.87 1.03
C ASP B 18 8.42 2.60 0.22
N VAL B 19 7.73 1.51 0.54
CA VAL B 19 7.96 0.29 -0.23
C VAL B 19 7.13 0.41 -1.47
N ASN B 20 6.20 1.36 -1.50
CA ASN B 20 5.37 1.54 -2.68
C ASN B 20 6.16 2.50 -3.57
N THR B 21 6.66 3.59 -3.00
CA THR B 21 7.44 4.53 -3.80
C THR B 21 8.58 3.78 -4.51
N LEU B 22 9.35 2.98 -3.76
CA LEU B 22 10.47 2.18 -4.29
C LEU B 22 10.05 1.10 -5.31
N THR B 23 9.02 0.33 -4.98
CA THR B 23 8.55 -0.73 -5.86
C THR B 23 8.21 -0.22 -7.25
N ALA B 24 7.47 0.90 -7.28
CA ALA B 24 7.05 1.55 -8.50
C ALA B 24 8.24 1.87 -9.38
N LYS B 25 9.24 2.56 -8.82
CA LYS B 25 10.45 2.91 -9.56
C LYS B 25 11.18 1.71 -10.17
N LEU B 26 11.38 0.62 -9.41
CA LEU B 26 12.06 -0.56 -9.94
C LEU B 26 11.22 -1.30 -10.97
N LEU B 27 9.91 -1.10 -10.89
CA LEU B 27 9.03 -1.78 -11.83
C LEU B 27 8.60 -0.98 -13.06
N LYS B 28 8.94 0.31 -13.11
CA LYS B 28 8.58 1.15 -14.25
C LYS B 28 9.01 0.55 -15.59
N ASP B 29 10.24 0.11 -15.70
CA ASP B 29 10.66 -0.45 -16.96
C ASP B 29 9.80 -1.66 -17.37
N LEU B 30 9.64 -2.60 -16.46
CA LEU B 30 8.86 -3.81 -16.74
C LEU B 30 7.38 -3.57 -17.05
N GLN B 31 6.83 -2.47 -16.55
CA GLN B 31 5.43 -2.15 -16.77
C GLN B 31 5.15 -1.53 -18.14
N THR B 32 6.02 -0.62 -18.56
CA THR B 32 5.86 0.02 -19.88
C THR B 32 6.09 -1.05 -20.93
N GLU B 33 7.09 -1.88 -20.69
CA GLU B 33 7.47 -2.96 -21.60
C GLU B 33 6.23 -3.83 -21.85
N TYR B 34 5.37 -3.91 -20.85
CA TYR B 34 4.15 -4.70 -20.91
C TYR B 34 2.90 -3.86 -21.14
N GLY B 35 3.07 -2.53 -21.22
CA GLY B 35 1.94 -1.65 -21.46
C GLY B 35 0.94 -1.54 -20.31
N ILE B 36 1.13 -2.40 -19.33
CA ILE B 36 0.34 -2.50 -18.11
C ILE B 36 0.73 -1.34 -17.22
N SER B 37 -0.23 -0.69 -16.55
CA SER B 37 0.10 0.43 -15.67
C SER B 37 0.28 -0.10 -14.24
N ALA B 38 0.71 0.76 -13.32
CA ALA B 38 0.96 0.37 -11.93
C ALA B 38 -0.18 -0.36 -11.20
N GLU B 39 -1.37 0.21 -11.25
CA GLU B 39 -2.50 -0.42 -10.59
C GLU B 39 -2.82 -1.73 -11.28
N GLN B 40 -2.66 -1.78 -12.59
CA GLN B 40 -2.92 -3.01 -13.33
C GLN B 40 -1.99 -4.14 -12.84
N SER B 41 -0.75 -3.82 -12.49
CA SER B 41 0.20 -4.83 -11.98
C SER B 41 -0.11 -5.07 -10.54
N HIS B 42 -0.45 -3.99 -9.85
CA HIS B 42 -0.84 -4.02 -8.43
C HIS B 42 -2.07 -4.91 -8.26
N VAL B 43 -2.73 -5.21 -9.37
CA VAL B 43 -3.88 -6.10 -9.39
C VAL B 43 -3.28 -7.43 -9.82
N LEU B 44 -2.24 -7.34 -10.62
CA LEU B 44 -1.53 -8.51 -11.04
C LEU B 44 -0.84 -8.99 -9.76
N ASN B 45 -0.72 -8.06 -8.83
CA ASN B 45 -0.09 -8.35 -7.56
C ASN B 45 -1.04 -9.04 -6.58
N MET B 46 -2.30 -8.63 -6.57
CA MET B 46 -3.26 -9.26 -5.69
C MET B 46 -3.57 -10.68 -6.18
N LEU B 47 -3.92 -10.80 -7.45
CA LEU B 47 -4.26 -12.07 -8.13
C LEU B 47 -3.11 -13.08 -8.14
N SER B 48 -1.92 -12.63 -7.78
CA SER B 48 -0.79 -13.53 -7.71
C SER B 48 -1.17 -14.52 -6.61
N ILE B 49 -1.63 -13.96 -5.49
CA ILE B 49 -2.06 -14.72 -4.30
C ILE B 49 -3.32 -15.59 -4.46
N GLU B 50 -4.44 -14.97 -4.81
CA GLU B 50 -5.65 -15.76 -5.01
C GLU B 50 -6.55 -15.20 -6.12
N ALA B 51 -7.34 -16.09 -6.72
CA ALA B 51 -8.25 -15.78 -7.83
C ALA B 51 -9.54 -15.03 -7.50
N LEU B 52 -9.47 -13.69 -7.50
CA LEU B 52 -10.63 -12.85 -7.20
C LEU B 52 -11.61 -12.51 -8.34
N THR B 53 -12.74 -11.94 -7.95
CA THR B 53 -13.76 -11.47 -8.86
C THR B 53 -13.53 -9.99 -8.77
N VAL B 54 -13.92 -9.23 -9.78
CA VAL B 54 -13.71 -7.79 -9.79
C VAL B 54 -14.27 -7.12 -8.53
N GLY B 55 -15.35 -7.69 -8.01
CA GLY B 55 -15.95 -7.14 -6.81
C GLY B 55 -15.03 -7.26 -5.60
N GLN B 56 -14.43 -8.43 -5.45
CA GLN B 56 -13.52 -8.70 -4.35
C GLN B 56 -12.27 -7.80 -4.41
N ILE B 57 -11.90 -7.37 -5.61
CA ILE B 57 -10.74 -6.51 -5.85
C ILE B 57 -10.97 -5.08 -5.38
N THR B 58 -12.18 -4.58 -5.54
CA THR B 58 -12.52 -3.21 -5.13
C THR B 58 -12.48 -3.08 -3.62
N GLU B 59 -13.23 -3.97 -2.96
CA GLU B 59 -13.35 -4.02 -1.49
C GLU B 59 -11.98 -4.16 -0.84
N LYS B 60 -11.11 -4.91 -1.48
CA LYS B 60 -9.77 -5.09 -0.99
C LYS B 60 -8.91 -3.95 -1.48
N GLN B 61 -9.52 -2.83 -1.88
CA GLN B 61 -8.75 -1.70 -2.43
C GLN B 61 -9.24 -0.28 -2.12
N GLY B 62 -10.48 -0.15 -1.66
CA GLY B 62 -11.03 1.15 -1.31
C GLY B 62 -11.37 2.04 -2.49
N VAL B 63 -10.83 1.70 -3.65
CA VAL B 63 -11.06 2.48 -4.87
C VAL B 63 -12.41 2.28 -5.58
N ASN B 64 -12.65 3.10 -6.60
CA ASN B 64 -13.86 3.10 -7.41
C ASN B 64 -14.00 1.90 -8.34
N LYS B 65 -15.04 1.10 -8.09
CA LYS B 65 -15.37 -0.10 -8.84
C LYS B 65 -15.11 0.02 -10.34
N ALA B 66 -15.56 1.16 -10.87
CA ALA B 66 -15.44 1.51 -12.28
C ALA B 66 -14.02 1.34 -12.75
N ALA B 67 -13.09 1.92 -12.01
CA ALA B 67 -11.69 1.82 -12.37
C ALA B 67 -11.16 0.39 -12.24
N VAL B 68 -11.79 -0.43 -11.42
CA VAL B 68 -11.32 -1.80 -11.28
C VAL B 68 -11.71 -2.55 -12.53
N SER B 69 -12.77 -2.08 -13.17
CA SER B 69 -13.27 -2.68 -14.39
C SER B 69 -12.40 -2.21 -15.54
N ARG B 70 -12.07 -0.92 -15.53
CA ARG B 70 -11.19 -0.37 -16.55
C ARG B 70 -9.95 -1.28 -16.62
N ARG B 71 -9.43 -1.57 -15.44
CA ARG B 71 -8.23 -2.38 -15.31
C ARG B 71 -8.42 -3.88 -15.55
N VAL B 72 -9.36 -4.52 -14.86
CA VAL B 72 -9.61 -5.94 -15.06
C VAL B 72 -9.70 -6.27 -16.55
N LYS B 73 -10.51 -5.51 -17.26
CA LYS B 73 -10.71 -5.72 -18.70
C LYS B 73 -9.43 -5.49 -19.54
N LYS B 74 -8.85 -4.30 -19.47
CA LYS B 74 -7.61 -3.99 -20.19
C LYS B 74 -6.60 -5.13 -19.99
N LEU B 75 -6.72 -5.85 -18.88
CA LEU B 75 -5.85 -6.97 -18.57
C LEU B 75 -6.19 -8.21 -19.38
N LEU B 76 -7.40 -8.72 -19.21
CA LEU B 76 -7.84 -9.90 -19.97
C LEU B 76 -7.43 -9.66 -21.41
N ASN B 77 -7.87 -8.49 -21.87
CA ASN B 77 -7.61 -8.00 -23.21
C ASN B 77 -6.15 -8.16 -23.59
N ALA B 78 -5.29 -8.01 -22.58
CA ALA B 78 -3.86 -8.10 -22.75
C ALA B 78 -3.38 -9.54 -22.59
N GLU B 79 -4.32 -10.44 -22.35
CA GLU B 79 -4.02 -11.84 -22.14
C GLU B 79 -3.03 -12.07 -20.99
N LEU B 80 -3.25 -11.33 -19.90
CA LEU B 80 -2.41 -11.43 -18.71
C LEU B 80 -3.23 -12.07 -17.61
N VAL B 81 -4.54 -11.91 -17.72
CA VAL B 81 -5.49 -12.43 -16.76
C VAL B 81 -6.37 -13.44 -17.49
N LYS B 82 -6.53 -14.66 -16.95
CA LYS B 82 -7.35 -15.66 -17.66
C LYS B 82 -8.67 -16.19 -17.04
N LEU B 83 -9.70 -15.32 -17.06
CA LEU B 83 -11.05 -15.60 -16.55
C LEU B 83 -11.43 -17.08 -16.40
N GLU B 84 -12.14 -17.42 -15.32
CA GLU B 84 -12.57 -18.80 -15.09
C GLU B 84 -14.06 -18.93 -14.76
N LYS B 85 -14.61 -20.10 -15.06
CA LYS B 85 -16.04 -20.42 -14.82
C LYS B 85 -16.14 -21.35 -13.61
N LYS B 95 -17.89 -14.48 -11.92
CA LYS B 95 -16.76 -13.98 -12.75
C LYS B 95 -15.49 -13.96 -11.90
N ILE B 96 -14.86 -15.13 -11.80
CA ILE B 96 -13.63 -15.37 -11.03
C ILE B 96 -12.42 -15.45 -11.97
N ILE B 97 -11.54 -14.46 -11.88
CA ILE B 97 -10.33 -14.39 -12.72
C ILE B 97 -8.98 -14.86 -12.10
N LYS B 98 -8.23 -15.60 -12.91
CA LYS B 98 -6.91 -16.15 -12.54
C LYS B 98 -5.81 -15.36 -13.27
N LEU B 99 -4.66 -15.98 -13.49
CA LEU B 99 -3.56 -15.32 -14.18
C LEU B 99 -3.12 -16.10 -15.42
N SER B 100 -3.33 -15.47 -16.58
CA SER B 100 -2.96 -16.07 -17.84
C SER B 100 -1.51 -16.46 -17.72
N ASN B 101 -1.12 -17.50 -18.44
CA ASN B 101 0.26 -17.98 -18.38
C ASN B 101 1.28 -16.95 -18.86
N LYS B 102 0.81 -15.88 -19.48
CA LYS B 102 1.69 -14.81 -19.95
C LYS B 102 1.84 -13.85 -18.77
N GLY B 103 0.82 -13.86 -17.91
CA GLY B 103 0.82 -13.02 -16.73
C GLY B 103 1.71 -13.66 -15.68
N LYS B 104 2.04 -14.93 -15.89
CA LYS B 104 2.92 -15.62 -14.98
C LYS B 104 4.34 -15.11 -15.20
N LYS B 105 4.82 -15.19 -16.43
CA LYS B 105 6.19 -14.73 -16.71
C LYS B 105 6.42 -13.31 -16.22
N TYR B 106 5.35 -12.57 -15.95
CA TYR B 106 5.47 -11.22 -15.43
C TYR B 106 5.89 -11.37 -13.98
N ILE B 107 5.06 -12.06 -13.20
CA ILE B 107 5.35 -12.30 -11.78
C ILE B 107 6.75 -12.86 -11.49
N LYS B 108 7.24 -13.75 -12.36
CA LYS B 108 8.57 -14.35 -12.20
C LYS B 108 9.60 -13.24 -12.25
N GLU B 109 9.39 -12.33 -13.17
CA GLU B 109 10.31 -11.21 -13.39
C GLU B 109 10.15 -10.10 -12.35
N ARG B 110 9.08 -10.17 -11.56
CA ARG B 110 8.85 -9.17 -10.53
C ARG B 110 9.64 -9.61 -9.32
N LYS B 111 9.45 -10.85 -8.87
CA LYS B 111 10.24 -11.26 -7.71
C LYS B 111 11.72 -11.35 -8.05
N ALA B 112 12.02 -11.48 -9.34
CA ALA B 112 13.41 -11.54 -9.75
C ALA B 112 14.11 -10.21 -9.45
N ILE B 113 13.34 -9.13 -9.38
CA ILE B 113 13.98 -7.87 -9.08
C ILE B 113 13.83 -7.56 -7.59
N MET B 114 12.69 -7.90 -7.00
CA MET B 114 12.52 -7.62 -5.59
C MET B 114 13.67 -8.27 -4.84
N SER B 115 13.92 -9.52 -5.20
CA SER B 115 14.97 -10.26 -4.55
C SER B 115 16.35 -9.65 -4.69
N HIS B 116 16.78 -9.24 -5.87
CA HIS B 116 18.12 -8.68 -5.92
C HIS B 116 18.27 -7.38 -5.13
N ILE B 117 17.18 -6.85 -4.57
CA ILE B 117 17.31 -5.64 -3.77
C ILE B 117 17.04 -5.98 -2.32
N ALA B 118 16.10 -6.89 -2.08
CA ALA B 118 15.80 -7.26 -0.70
C ALA B 118 17.07 -7.85 -0.03
N SER B 119 17.75 -8.76 -0.72
CA SER B 119 18.97 -9.34 -0.18
C SER B 119 20.05 -8.26 -0.11
N ASP B 120 20.09 -7.38 -1.10
CA ASP B 120 21.05 -6.30 -1.13
C ASP B 120 20.89 -5.38 0.08
N MET B 121 19.82 -5.59 0.86
CA MET B 121 19.57 -4.76 2.05
C MET B 121 19.40 -5.63 3.27
N THR B 122 19.65 -6.92 3.10
CA THR B 122 19.57 -7.86 4.20
C THR B 122 20.77 -8.79 4.05
N SER B 123 21.91 -8.19 3.74
CA SER B 123 23.15 -8.92 3.59
C SER B 123 23.59 -9.27 5.00
N ASP B 124 23.62 -8.20 5.81
CA ASP B 124 24.04 -8.22 7.21
C ASP B 124 23.06 -8.68 8.31
N PHE B 125 21.89 -9.19 7.94
CA PHE B 125 20.92 -9.61 8.95
C PHE B 125 21.06 -11.02 9.52
N ASP B 126 20.58 -11.18 10.74
CA ASP B 126 20.59 -12.46 11.43
C ASP B 126 19.26 -13.12 11.15
N SER B 127 19.23 -14.09 10.25
CA SER B 127 17.97 -14.75 9.96
C SER B 127 17.31 -15.22 11.27
N LYS B 128 18.11 -15.78 12.17
CA LYS B 128 17.56 -16.24 13.43
C LYS B 128 16.79 -15.08 14.12
N GLU B 129 17.06 -13.84 13.71
CA GLU B 129 16.41 -12.63 14.26
C GLU B 129 15.21 -12.22 13.41
N ILE B 130 15.34 -12.36 12.11
CA ILE B 130 14.28 -12.03 11.17
C ILE B 130 13.14 -12.98 11.48
N GLU B 131 13.51 -14.23 11.71
CA GLU B 131 12.58 -15.31 12.05
C GLU B 131 11.50 -14.85 13.03
N LYS B 132 11.95 -14.51 14.23
CA LYS B 132 11.05 -14.05 15.28
C LYS B 132 10.10 -12.88 14.86
N VAL B 133 10.59 -11.92 14.08
CA VAL B 133 9.71 -10.82 13.69
C VAL B 133 8.65 -11.33 12.70
N ARG B 134 9.05 -12.24 11.81
CA ARG B 134 8.10 -12.81 10.86
C ARG B 134 7.06 -13.64 11.65
N GLN B 135 7.41 -14.08 12.85
CA GLN B 135 6.43 -14.80 13.65
C GLN B 135 5.43 -13.79 14.15
N VAL B 136 5.93 -12.67 14.66
CA VAL B 136 5.05 -11.60 15.15
C VAL B 136 4.17 -11.01 14.05
N LEU B 137 4.74 -10.91 12.84
CA LEU B 137 4.01 -10.36 11.71
C LEU B 137 3.01 -11.37 11.13
N GLU B 138 3.23 -12.66 11.36
CA GLU B 138 2.28 -13.67 10.91
C GLU B 138 1.09 -13.61 11.84
N ILE B 139 1.33 -13.38 13.13
CA ILE B 139 0.20 -13.27 14.09
C ILE B 139 -0.59 -11.99 13.88
N ILE B 140 0.07 -10.84 13.72
CA ILE B 140 -0.70 -9.62 13.47
C ILE B 140 -1.45 -9.81 12.11
N ASP B 141 -0.77 -10.37 11.14
CA ASP B 141 -1.38 -10.60 9.85
C ASP B 141 -2.66 -11.41 10.02
N TYR B 142 -2.57 -12.51 10.77
CA TYR B 142 -3.70 -13.38 11.05
C TYR B 142 -4.80 -12.57 11.69
N ARG B 143 -4.44 -11.76 12.67
CA ARG B 143 -5.41 -10.93 13.35
C ARG B 143 -6.03 -9.90 12.41
N ILE B 144 -5.25 -9.40 11.45
CA ILE B 144 -5.80 -8.45 10.48
C ILE B 144 -6.71 -9.20 9.50
N GLN B 145 -6.33 -10.40 9.12
CA GLN B 145 -7.22 -11.18 8.23
C GLN B 145 -8.50 -11.51 8.96
N SER B 146 -8.38 -11.90 10.21
CA SER B 146 -9.58 -12.20 10.98
C SER B 146 -10.50 -11.01 11.06
N TYR B 147 -10.15 -9.91 10.41
CA TYR B 147 -11.03 -8.74 10.40
C TYR B 147 -11.52 -8.51 8.98
N THR B 148 -10.90 -9.22 8.05
CA THR B 148 -11.32 -9.18 6.67
C THR B 148 -12.79 -9.53 6.83
N SER B 149 -13.00 -10.52 7.70
CA SER B 149 -14.33 -11.01 8.01
C SER B 149 -15.14 -10.02 8.85
N LYS B 150 -15.76 -10.48 9.93
CA LYS B 150 -16.60 -9.63 10.80
C LYS B 150 -17.26 -8.45 10.05
N LEU B 151 -18.35 -8.83 9.37
CA LEU B 151 -19.27 -8.02 8.53
C LEU B 151 -18.89 -7.95 7.05
#